data_6ZPB
#
_entry.id   6ZPB
#
_cell.length_a   141.827
_cell.length_b   141.827
_cell.length_c   53.725
_cell.angle_alpha   90.000
_cell.angle_beta   90.000
_cell.angle_gamma   120.000
#
_symmetry.space_group_name_H-M   'H 3 2'
#
loop_
_entity.id
_entity.type
_entity.pdbx_description
1 polymer DatZ
2 non-polymer (2R,3S,5R)-5-(6-amino-9H-purin-9-yl)-tetrahydro-2-(hydroxymethyl)furan-3-ol
3 non-polymer 'COBALT (II) ION'
4 water water
#
_entity_poly.entity_id   1
_entity_poly.type   'polypeptide(L)'
_entity_poly.pdbx_seq_one_letter_code
;GTGDGSMTLQITETYERLRASHISRWGIVQTTYPQNIAEHMWRVWLLCRDWGAAAGMPQHTVRQACEFALVHDLAEIRTG
DAPTPHKTPELKELLAGIEAQIVPEVAELEATMAPEARELWKFCDTAEAVLFLKVNGLGAHAYDVQHLLMEQMKRRLMDS
VLDVEVQDELMFQFERTIKKT
;
_entity_poly.pdbx_strand_id   A
#
# COMPACT_ATOMS: atom_id res chain seq x y z
N LEU A 9 -23.15 -8.06 -2.67
CA LEU A 9 -21.78 -7.97 -2.12
C LEU A 9 -20.78 -7.46 -3.16
N GLN A 10 -20.80 -8.04 -4.37
CA GLN A 10 -19.89 -7.60 -5.43
C GLN A 10 -20.08 -6.12 -5.79
N ILE A 11 -18.96 -5.39 -5.95
CA ILE A 11 -18.99 -4.01 -6.44
C ILE A 11 -19.03 -4.08 -7.96
N THR A 12 -20.10 -3.53 -8.55
CA THR A 12 -20.27 -3.57 -9.99
C THR A 12 -20.47 -2.20 -10.64
N GLU A 13 -20.71 -1.15 -9.85
CA GLU A 13 -21.03 0.15 -10.42
C GLU A 13 -20.00 1.25 -10.21
N THR A 14 -19.88 2.15 -11.19
CA THR A 14 -18.98 3.30 -11.06
C THR A 14 -19.39 4.17 -9.86
N TYR A 15 -20.71 4.33 -9.58
CA TYR A 15 -21.09 5.15 -8.41
C TYR A 15 -20.54 4.54 -7.10
N GLU A 16 -20.37 3.20 -7.06
CA GLU A 16 -19.80 2.54 -5.87
C GLU A 16 -18.30 2.74 -5.85
N ARG A 17 -17.61 2.55 -7.01
CA ARG A 17 -16.17 2.73 -7.04
C ARG A 17 -15.75 4.17 -6.70
N LEU A 18 -16.59 5.15 -7.09
CA LEU A 18 -16.32 6.54 -6.75
C LEU A 18 -16.30 6.74 -5.23
N ARG A 19 -16.99 5.85 -4.47
CA ARG A 19 -16.97 5.95 -3.02
C ARG A 19 -15.62 5.59 -2.44
N ALA A 20 -14.57 5.33 -3.24
CA ALA A 20 -13.19 5.20 -2.67
C ALA A 20 -12.85 6.48 -1.85
N SER A 21 -13.34 7.65 -2.31
CA SER A 21 -13.11 8.90 -1.58
C SER A 21 -13.98 9.07 -0.34
N HIS A 22 -14.93 8.16 -0.10
CA HIS A 22 -15.77 8.20 1.11
C HIS A 22 -15.22 7.20 2.16
N ILE A 23 -14.14 6.42 1.85
CA ILE A 23 -13.63 5.39 2.76
C ILE A 23 -12.50 5.97 3.57
N SER A 24 -12.72 6.14 4.88
CA SER A 24 -11.70 6.74 5.72
C SER A 24 -10.66 5.76 6.24
N ARG A 25 -9.40 6.15 6.11
CA ARG A 25 -8.30 5.38 6.64
C ARG A 25 -8.04 5.73 8.12
N TRP A 26 -7.07 5.02 8.75
CA TRP A 26 -6.65 5.34 10.12
C TRP A 26 -7.78 5.33 11.13
N GLY A 27 -8.63 4.30 11.03
CA GLY A 27 -9.79 4.15 11.89
C GLY A 27 -9.50 4.12 13.38
N ILE A 28 -8.27 3.74 13.79
CA ILE A 28 -7.96 3.71 15.22
C ILE A 28 -6.81 4.64 15.61
N VAL A 29 -6.40 5.55 14.71
CA VAL A 29 -5.28 6.45 14.94
C VAL A 29 -5.71 7.89 14.78
N GLN A 30 -5.34 8.75 15.73
CA GLN A 30 -5.66 10.18 15.64
C GLN A 30 -4.86 10.85 14.53
N THR A 31 -5.56 11.54 13.64
CA THR A 31 -4.95 12.29 12.53
C THR A 31 -5.60 13.68 12.39
N THR A 32 -4.90 14.60 11.68
CA THR A 32 -5.39 15.97 11.45
C THR A 32 -6.68 16.01 10.61
N TYR A 33 -6.87 15.02 9.75
CA TYR A 33 -8.08 14.91 8.93
C TYR A 33 -8.26 13.45 8.50
N PRO A 34 -9.46 13.08 8.03
CA PRO A 34 -9.68 11.70 7.59
C PRO A 34 -9.24 11.49 6.15
N GLN A 35 -8.07 10.87 6.00
CA GLN A 35 -7.52 10.53 4.68
C GLN A 35 -8.39 9.44 4.07
N ASN A 36 -8.68 9.52 2.76
CA ASN A 36 -9.50 8.50 2.13
C ASN A 36 -8.66 7.53 1.28
N ILE A 37 -9.23 6.38 0.86
CA ILE A 37 -8.45 5.40 0.12
C ILE A 37 -8.14 5.87 -1.29
N ALA A 38 -8.90 6.84 -1.85
CA ALA A 38 -8.58 7.32 -3.20
C ALA A 38 -7.24 8.10 -3.23
N GLU A 39 -7.07 9.06 -2.29
CA GLU A 39 -5.80 9.78 -2.21
C GLU A 39 -4.65 8.82 -1.84
N HIS A 40 -4.93 7.82 -0.97
CA HIS A 40 -3.92 6.82 -0.64
C HIS A 40 -3.48 6.03 -1.90
N MET A 41 -4.46 5.53 -2.69
CA MET A 41 -4.09 4.73 -3.86
C MET A 41 -3.36 5.54 -4.88
N TRP A 42 -3.72 6.83 -5.06
CA TRP A 42 -3.01 7.68 -6.02
C TRP A 42 -1.55 7.83 -5.57
N ARG A 43 -1.34 8.12 -4.28
CA ARG A 43 0.03 8.30 -3.75
C ARG A 43 0.85 7.00 -3.82
N VAL A 44 0.22 5.84 -3.58
CA VAL A 44 0.93 4.55 -3.67
C VAL A 44 1.34 4.32 -5.14
N TRP A 45 0.43 4.60 -6.08
CA TRP A 45 0.70 4.50 -7.51
C TRP A 45 1.90 5.38 -7.89
N LEU A 46 1.91 6.62 -7.38
CA LEU A 46 2.98 7.56 -7.67
CA LEU A 46 2.97 7.57 -7.65
C LEU A 46 4.32 7.01 -7.18
N LEU A 47 4.35 6.49 -5.96
CA LEU A 47 5.58 5.92 -5.39
C LEU A 47 6.03 4.72 -6.21
N CYS A 48 5.10 3.83 -6.63
CA CYS A 48 5.47 2.68 -7.46
C CYS A 48 6.13 3.17 -8.76
N ARG A 49 5.51 4.18 -9.39
CA ARG A 49 6.00 4.72 -10.68
C ARG A 49 7.40 5.32 -10.53
N ASP A 50 7.54 6.25 -9.59
CA ASP A 50 8.81 6.95 -9.40
C ASP A 50 9.91 6.06 -8.86
N TRP A 51 9.62 5.33 -7.78
CA TRP A 51 10.66 4.53 -7.12
C TRP A 51 10.98 3.24 -7.87
N GLY A 52 10.02 2.69 -8.60
CA GLY A 52 10.30 1.53 -9.45
C GLY A 52 11.26 1.93 -10.57
N ALA A 53 11.07 3.12 -11.14
CA ALA A 53 11.94 3.62 -12.21
C ALA A 53 13.33 3.98 -11.62
N ALA A 54 13.36 4.64 -10.45
CA ALA A 54 14.62 5.01 -9.79
C ALA A 54 15.46 3.79 -9.46
N ALA A 55 14.81 2.70 -9.07
CA ALA A 55 15.51 1.45 -8.76
C ALA A 55 15.91 0.63 -10.01
N GLY A 56 15.62 1.13 -11.20
CA GLY A 56 15.93 0.46 -12.47
C GLY A 56 15.20 -0.84 -12.66
N MET A 57 14.01 -0.99 -12.04
CA MET A 57 13.24 -2.22 -12.16
C MET A 57 12.69 -2.34 -13.58
N PRO A 58 12.50 -3.58 -14.06
CA PRO A 58 11.98 -3.77 -15.42
C PRO A 58 10.66 -3.04 -15.62
N GLN A 59 10.44 -2.46 -16.80
CA GLN A 59 9.22 -1.71 -17.09
C GLN A 59 7.95 -2.55 -16.85
N HIS A 60 7.97 -3.86 -17.21
CA HIS A 60 6.80 -4.72 -16.99
C HIS A 60 6.47 -4.88 -15.50
N THR A 61 7.51 -4.92 -14.64
CA THR A 61 7.33 -5.08 -13.21
C THR A 61 6.74 -3.79 -12.62
N VAL A 62 7.28 -2.63 -13.05
CA VAL A 62 6.78 -1.35 -12.55
C VAL A 62 5.31 -1.14 -12.96
N ARG A 63 5.00 -1.46 -14.22
CA ARG A 63 3.64 -1.35 -14.75
CA ARG A 63 3.64 -1.35 -14.75
C ARG A 63 2.67 -2.22 -13.95
N GLN A 64 3.06 -3.45 -13.63
CA GLN A 64 2.21 -4.36 -12.87
C GLN A 64 1.96 -3.80 -11.45
N ALA A 65 3.01 -3.30 -10.79
CA ALA A 65 2.85 -2.71 -9.46
C ALA A 65 1.94 -1.46 -9.50
N CYS A 66 2.11 -0.60 -10.53
CA CYS A 66 1.30 0.61 -10.67
C CYS A 66 -0.14 0.27 -10.90
N GLU A 67 -0.40 -0.72 -11.76
CA GLU A 67 -1.78 -1.13 -12.09
C GLU A 67 -2.47 -1.64 -10.81
N PHE A 68 -1.75 -2.46 -10.02
CA PHE A 68 -2.32 -2.98 -8.77
C PHE A 68 -2.52 -1.86 -7.76
N ALA A 69 -1.56 -0.95 -7.65
CA ALA A 69 -1.64 0.18 -6.68
C ALA A 69 -2.93 0.98 -6.81
N LEU A 70 -3.38 1.23 -8.05
CA LEU A 70 -4.59 2.02 -8.31
C LEU A 70 -5.90 1.41 -7.84
N VAL A 71 -5.95 0.07 -7.67
CA VAL A 71 -7.21 -0.58 -7.28
C VAL A 71 -7.08 -1.45 -6.05
N HIS A 72 -5.89 -1.59 -5.49
CA HIS A 72 -5.61 -2.59 -4.46
C HIS A 72 -6.49 -2.57 -3.23
N ASP A 73 -6.97 -1.38 -2.79
CA ASP A 73 -7.80 -1.30 -1.59
C ASP A 73 -9.29 -1.11 -1.90
N LEU A 74 -9.73 -1.35 -3.14
CA LEU A 74 -11.13 -1.14 -3.52
C LEU A 74 -12.14 -1.94 -2.71
N ALA A 75 -11.77 -3.17 -2.23
CA ALA A 75 -12.74 -3.95 -1.42
C ALA A 75 -13.18 -3.20 -0.17
N GLU A 76 -12.34 -2.24 0.31
CA GLU A 76 -12.65 -1.44 1.51
C GLU A 76 -13.87 -0.55 1.34
N ILE A 77 -14.35 -0.34 0.10
CA ILE A 77 -15.61 0.34 -0.15
C ILE A 77 -16.78 -0.45 0.54
N ARG A 78 -16.64 -1.78 0.69
CA ARG A 78 -17.59 -2.61 1.42
C ARG A 78 -17.06 -2.96 2.83
N THR A 79 -15.78 -3.39 2.94
CA THR A 79 -15.30 -3.91 4.22
C THR A 79 -14.96 -2.86 5.26
N GLY A 80 -14.60 -1.67 4.79
CA GLY A 80 -13.98 -0.68 5.64
C GLY A 80 -12.48 -0.96 5.69
N ASP A 81 -11.72 0.01 6.13
CA ASP A 81 -10.27 -0.11 6.18
C ASP A 81 -9.81 -0.52 7.57
N ALA A 82 -9.64 -1.83 7.78
CA ALA A 82 -9.27 -2.35 9.09
C ALA A 82 -7.80 -2.08 9.41
N PRO A 83 -7.48 -1.79 10.69
CA PRO A 83 -6.06 -1.54 11.04
C PRO A 83 -5.23 -2.80 10.86
N THR A 84 -4.03 -2.66 10.30
CA THR A 84 -3.13 -3.79 10.05
C THR A 84 -2.99 -4.78 11.24
N PRO A 85 -2.74 -4.35 12.50
CA PRO A 85 -2.56 -5.35 13.58
C PRO A 85 -3.75 -6.27 13.78
N HIS A 86 -4.96 -5.81 13.41
CA HIS A 86 -6.19 -6.59 13.51
C HIS A 86 -6.23 -7.78 12.55
N LYS A 87 -5.53 -7.66 11.43
CA LYS A 87 -5.52 -8.70 10.40
C LYS A 87 -4.57 -9.85 10.71
N THR A 88 -4.98 -10.71 11.63
CA THR A 88 -4.23 -11.91 11.99
C THR A 88 -4.40 -12.97 10.91
N PRO A 89 -3.53 -14.01 10.89
CA PRO A 89 -3.66 -15.04 9.85
C PRO A 89 -5.05 -15.63 9.63
N GLU A 90 -5.76 -15.99 10.69
CA GLU A 90 -7.09 -16.58 10.57
C GLU A 90 -8.12 -15.60 9.99
N LEU A 91 -8.03 -14.32 10.39
CA LEU A 91 -8.93 -13.30 9.87
C LEU A 91 -8.62 -13.00 8.40
N LYS A 92 -7.33 -12.91 8.05
CA LYS A 92 -6.89 -12.64 6.68
C LYS A 92 -7.36 -13.70 5.71
N GLU A 93 -7.43 -14.97 6.14
CA GLU A 93 -7.89 -16.03 5.26
C GLU A 93 -9.39 -15.86 4.97
N LEU A 94 -10.18 -15.48 5.99
CA LEU A 94 -11.59 -15.24 5.78
C LEU A 94 -11.78 -14.00 4.89
N LEU A 95 -11.01 -12.94 5.16
CA LEU A 95 -11.09 -11.72 4.38
C LEU A 95 -10.70 -11.92 2.94
N ALA A 96 -9.75 -12.82 2.64
CA ALA A 96 -9.32 -13.09 1.27
C ALA A 96 -10.48 -13.57 0.41
N GLY A 97 -11.30 -14.47 0.94
CA GLY A 97 -12.44 -14.99 0.22
C GLY A 97 -13.53 -13.96 0.03
N ILE A 98 -13.74 -13.11 1.04
CA ILE A 98 -14.78 -12.08 1.00
C ILE A 98 -14.39 -11.02 -0.03
N GLU A 99 -13.14 -10.58 0.01
CA GLU A 99 -12.64 -9.60 -0.93
C GLU A 99 -12.65 -10.11 -2.36
N ALA A 100 -12.46 -11.45 -2.56
CA ALA A 100 -12.52 -12.03 -3.89
C ALA A 100 -13.95 -11.94 -4.45
N GLN A 101 -14.98 -11.98 -3.59
CA GLN A 101 -16.36 -11.84 -4.04
C GLN A 101 -16.69 -10.35 -4.33
N ILE A 102 -16.14 -9.45 -3.49
CA ILE A 102 -16.38 -8.01 -3.62
C ILE A 102 -15.74 -7.44 -4.90
N VAL A 103 -14.45 -7.72 -5.11
CA VAL A 103 -13.71 -7.19 -6.26
C VAL A 103 -12.97 -8.32 -6.98
N PRO A 104 -13.71 -9.13 -7.77
CA PRO A 104 -13.07 -10.27 -8.46
C PRO A 104 -11.92 -9.86 -9.38
N GLU A 105 -12.04 -8.70 -10.01
N GLU A 105 -12.05 -8.68 -10.00
CA GLU A 105 -11.02 -8.20 -10.93
CA GLU A 105 -11.05 -8.13 -10.93
C GLU A 105 -9.73 -7.82 -10.18
C GLU A 105 -9.75 -7.81 -10.18
N VAL A 106 -9.87 -7.30 -8.95
CA VAL A 106 -8.70 -6.98 -8.13
C VAL A 106 -8.04 -8.28 -7.64
N ALA A 107 -8.85 -9.26 -7.26
CA ALA A 107 -8.35 -10.58 -6.84
C ALA A 107 -7.55 -11.23 -7.99
N GLU A 108 -8.02 -11.07 -9.22
CA GLU A 108 -7.31 -11.64 -10.38
C GLU A 108 -5.97 -10.97 -10.58
N LEU A 109 -5.92 -9.61 -10.48
CA LEU A 109 -4.63 -8.91 -10.59
C LEU A 109 -3.68 -9.36 -9.48
N GLU A 110 -4.21 -9.54 -8.24
CA GLU A 110 -3.35 -9.94 -7.13
CA GLU A 110 -3.39 -9.95 -7.10
C GLU A 110 -2.76 -11.32 -7.36
N ALA A 111 -3.57 -12.25 -7.88
CA ALA A 111 -3.13 -13.62 -8.16
C ALA A 111 -2.11 -13.74 -9.29
N THR A 112 -2.01 -12.74 -10.17
CA THR A 112 -1.12 -12.70 -11.33
CA THR A 112 -1.05 -12.83 -11.26
C THR A 112 0.18 -11.93 -11.05
N MET A 113 0.17 -11.07 -10.02
CA MET A 113 1.30 -10.21 -9.68
C MET A 113 2.58 -10.99 -9.40
N ALA A 114 3.66 -10.63 -10.08
CA ALA A 114 4.97 -11.24 -9.88
C ALA A 114 5.52 -10.83 -8.51
N PRO A 115 6.29 -11.72 -7.86
CA PRO A 115 6.87 -11.38 -6.56
C PRO A 115 7.60 -10.04 -6.49
N GLU A 116 8.37 -9.65 -7.52
CA GLU A 116 9.09 -8.37 -7.50
C GLU A 116 8.15 -7.19 -7.54
N ALA A 117 7.07 -7.30 -8.34
CA ALA A 117 6.07 -6.22 -8.41
C ALA A 117 5.31 -6.13 -7.08
N ARG A 118 5.03 -7.29 -6.46
CA ARG A 118 4.36 -7.30 -5.16
C ARG A 118 5.21 -6.61 -4.12
N GLU A 119 6.54 -6.86 -4.13
CA GLU A 119 7.41 -6.23 -3.14
C GLU A 119 7.57 -4.72 -3.36
N LEU A 120 7.59 -4.28 -4.63
CA LEU A 120 7.64 -2.84 -4.90
C LEU A 120 6.32 -2.20 -4.41
N TRP A 121 5.18 -2.82 -4.76
CA TRP A 121 3.88 -2.32 -4.32
C TRP A 121 3.79 -2.25 -2.79
N LYS A 122 4.17 -3.34 -2.09
CA LYS A 122 4.03 -3.37 -0.63
C LYS A 122 4.94 -2.36 0.05
N PHE A 123 6.16 -2.17 -0.50
CA PHE A 123 7.08 -1.17 0.05
C PHE A 123 6.43 0.23 -0.04
N CYS A 124 5.82 0.53 -1.18
CA CYS A 124 5.16 1.81 -1.45
C CYS A 124 3.87 2.01 -0.68
N ASP A 125 3.11 0.93 -0.48
CA ASP A 125 1.86 0.94 0.30
C ASP A 125 2.19 1.33 1.74
N THR A 126 3.24 0.73 2.31
CA THR A 126 3.65 1.05 3.68
C THR A 126 4.35 2.40 3.77
N ALA A 127 5.24 2.71 2.84
CA ALA A 127 5.94 4.01 2.82
C ALA A 127 4.96 5.17 2.76
N GLU A 128 3.87 5.02 1.99
CA GLU A 128 2.87 6.09 1.87
C GLU A 128 2.24 6.39 3.25
N ALA A 129 1.97 5.33 4.03
CA ALA A 129 1.40 5.44 5.37
C ALA A 129 2.36 6.15 6.32
N VAL A 130 3.66 5.80 6.27
CA VAL A 130 4.65 6.44 7.13
C VAL A 130 4.76 7.92 6.76
N LEU A 131 4.81 8.20 5.47
CA LEU A 131 4.89 9.58 4.99
C LEU A 131 3.66 10.37 5.38
N PHE A 132 2.47 9.76 5.30
CA PHE A 132 1.24 10.44 5.69
C PHE A 132 1.26 10.80 7.18
N LEU A 133 1.60 9.83 8.05
CA LEU A 133 1.62 10.08 9.50
C LEU A 133 2.70 11.06 9.89
N LYS A 134 3.83 11.10 9.16
CA LYS A 134 4.91 12.08 9.43
C LYS A 134 4.33 13.51 9.45
N VAL A 135 3.37 13.79 8.56
CA VAL A 135 2.75 15.11 8.50
C VAL A 135 1.49 15.25 9.34
N ASN A 136 0.64 14.22 9.29
CA ASN A 136 -0.72 14.28 9.77
C ASN A 136 -1.07 13.45 10.99
N GLY A 137 -0.13 12.72 11.56
CA GLY A 137 -0.40 11.95 12.77
C GLY A 137 -0.40 12.88 13.97
N LEU A 138 -1.25 12.58 14.97
CA LEU A 138 -1.32 13.37 16.20
C LEU A 138 -1.20 12.49 17.43
N GLY A 139 -0.25 12.80 18.30
CA GLY A 139 -0.12 12.07 19.55
C GLY A 139 0.87 10.93 19.59
N ALA A 140 1.08 10.37 20.80
CA ALA A 140 2.04 9.32 21.08
C ALA A 140 1.76 8.02 20.35
N HIS A 141 0.49 7.58 20.36
CA HIS A 141 0.12 6.35 19.67
C HIS A 141 0.37 6.48 18.17
N ALA A 142 0.00 7.64 17.57
CA ALA A 142 0.25 7.85 16.13
C ALA A 142 1.75 7.87 15.86
N TYR A 143 2.53 8.44 16.76
CA TYR A 143 3.99 8.45 16.59
C TYR A 143 4.54 7.00 16.59
N ASP A 144 4.08 6.19 17.54
CA ASP A 144 4.52 4.80 17.63
C ASP A 144 4.13 4.01 16.40
N VAL A 145 2.90 4.23 15.87
CA VAL A 145 2.43 3.51 14.69
C VAL A 145 3.28 3.88 13.47
N GLN A 146 3.64 5.16 13.34
CA GLN A 146 4.47 5.65 12.24
C GLN A 146 5.84 4.94 12.27
N HIS A 147 6.42 4.85 13.47
CA HIS A 147 7.72 4.19 13.62
C HIS A 147 7.64 2.69 13.47
N LEU A 148 6.57 2.05 13.96
CA LEU A 148 6.37 0.60 13.79
C LEU A 148 6.22 0.26 12.29
N LEU A 149 5.40 1.03 11.56
CA LEU A 149 5.23 0.81 10.12
C LEU A 149 6.56 0.95 9.38
N MET A 150 7.38 1.96 9.73
CA MET A 150 8.69 2.11 9.09
C MET A 150 9.58 0.88 9.35
N GLU A 151 9.57 0.36 10.59
N GLU A 151 9.57 0.36 10.58
CA GLU A 151 10.35 -0.83 10.96
CA GLU A 151 10.37 -0.84 10.92
C GLU A 151 9.88 -2.05 10.17
C GLU A 151 9.88 -2.04 10.10
N GLN A 152 8.56 -2.21 10.01
CA GLN A 152 7.95 -3.31 9.28
C GLN A 152 8.26 -3.25 7.80
N MET A 153 8.23 -2.02 7.24
CA MET A 153 8.54 -1.76 5.84
C MET A 153 9.99 -2.20 5.55
N LYS A 154 10.91 -1.79 6.42
CA LYS A 154 12.31 -2.13 6.25
C LYS A 154 12.55 -3.64 6.36
N ARG A 155 11.94 -4.30 7.35
CA ARG A 155 12.14 -5.72 7.56
C ARG A 155 11.62 -6.54 6.40
N ARG A 156 10.44 -6.17 5.90
CA ARG A 156 9.87 -6.90 4.77
C ARG A 156 10.77 -6.72 3.52
N LEU A 157 11.27 -5.52 3.28
CA LEU A 157 12.11 -5.25 2.11
C LEU A 157 13.42 -6.05 2.23
N MET A 158 14.02 -6.05 3.41
CA MET A 158 15.28 -6.74 3.68
C MET A 158 15.17 -8.25 3.48
N ASP A 159 14.00 -8.82 3.80
CA ASP A 159 13.78 -10.26 3.62
C ASP A 159 13.16 -10.66 2.28
N SER A 160 12.90 -9.68 1.39
CA SER A 160 12.26 -9.89 0.10
C SER A 160 13.18 -10.51 -0.96
N VAL A 161 12.59 -10.91 -2.09
CA VAL A 161 13.33 -11.43 -3.24
C VAL A 161 14.00 -10.30 -4.04
N LEU A 162 13.78 -8.99 -3.69
CA LEU A 162 14.41 -7.93 -4.45
C LEU A 162 15.93 -7.98 -4.27
N ASP A 163 16.69 -7.70 -5.34
CA ASP A 163 18.16 -7.65 -5.28
C ASP A 163 18.59 -6.59 -4.25
N VAL A 164 19.73 -6.80 -3.55
CA VAL A 164 20.21 -5.86 -2.54
CA VAL A 164 20.20 -5.84 -2.55
CA VAL A 164 20.17 -5.84 -2.53
C VAL A 164 20.35 -4.44 -3.12
N GLU A 165 20.80 -4.33 -4.37
CA GLU A 165 20.97 -3.04 -5.02
C GLU A 165 19.63 -2.30 -5.17
N VAL A 166 18.58 -3.05 -5.49
CA VAL A 166 17.24 -2.48 -5.62
C VAL A 166 16.73 -2.07 -4.24
N GLN A 167 16.94 -2.91 -3.20
CA GLN A 167 16.50 -2.57 -1.83
C GLN A 167 17.19 -1.27 -1.39
N ASP A 168 18.50 -1.16 -1.69
CA ASP A 168 19.26 0.03 -1.33
C ASP A 168 18.75 1.27 -2.04
N GLU A 169 18.40 1.16 -3.33
CA GLU A 169 17.86 2.30 -4.05
C GLU A 169 16.51 2.74 -3.46
N LEU A 170 15.66 1.76 -3.12
CA LEU A 170 14.35 2.05 -2.54
C LEU A 170 14.50 2.75 -1.18
N MET A 171 15.42 2.27 -0.34
CA MET A 171 15.67 2.90 0.95
C MET A 171 16.30 4.28 0.79
N PHE A 172 17.18 4.44 -0.22
CA PHE A 172 17.82 5.72 -0.53
C PHE A 172 16.76 6.75 -0.87
N GLN A 173 15.80 6.36 -1.72
CA GLN A 173 14.71 7.25 -2.13
C GLN A 173 13.73 7.51 -1.01
N PHE A 174 13.41 6.49 -0.21
CA PHE A 174 12.49 6.65 0.92
C PHE A 174 13.05 7.68 1.92
N GLU A 175 14.33 7.50 2.32
CA GLU A 175 14.91 8.40 3.31
C GLU A 175 15.00 9.83 2.81
N ARG A 176 15.35 10.03 1.53
CA ARG A 176 15.40 11.37 0.96
C ARG A 176 14.02 12.01 0.96
N THR A 177 13.00 11.22 0.62
CA THR A 177 11.63 11.70 0.54
C THR A 177 11.07 12.09 1.92
N ILE A 178 11.20 11.22 2.92
CA ILE A 178 10.64 11.52 4.24
C ILE A 178 11.31 12.74 4.89
N LYS A 179 12.61 12.95 4.61
CA LYS A 179 13.32 14.10 5.16
C LYS A 179 12.70 15.43 4.69
N LYS A 180 12.14 15.45 3.47
CA LYS A 180 11.53 16.63 2.88
C LYS A 180 9.98 16.61 2.92
N THR A 181 9.39 15.75 3.77
N THR A 181 9.39 15.78 3.79
CA THR A 181 7.94 15.60 3.90
CA THR A 181 7.94 15.69 3.93
C THR A 181 7.48 16.11 5.29
C THR A 181 7.52 16.02 5.37
#